data_2O5F
#
_entry.id   2O5F
#
_cell.length_a   34.019
_cell.length_b   156.554
_cell.length_c   126.560
_cell.angle_alpha   90.00
_cell.angle_beta   90.00
_cell.angle_gamma   90.00
#
_symmetry.space_group_name_H-M   'C 2 2 21'
#
loop_
_entity.id
_entity.type
_entity.pdbx_description
1 polymer 'Putative Nudix hydrolase DR_0079'
2 water water
#
_entity_poly.entity_id   1
_entity_poly.type   'polypeptide(L)'
_entity_poly.pdbx_seq_one_letter_code
;MGGVSDERLDLVNERDEVVGQILRTDPALRWERVRVVNAFLRNSQGQLWIPRRSPSKSLFPNALDVSVGGAVQSGETYEE
AFRREAREELNVEIDALSWRPLASFSPFQTTLSSFMCVYELRSDATPIFNPNDISGGEWLTPEHLLARIAAGEAAKGDLA
ELVRRCYREEE
;
_entity_poly.pdbx_strand_id   A,B
#
# COMPACT_ATOMS: atom_id res chain seq x y z
N GLU A 7 -10.13 -24.38 -8.78
CA GLU A 7 -10.79 -23.26 -9.53
C GLU A 7 -11.59 -22.33 -8.62
N ARG A 8 -11.70 -22.68 -7.34
CA ARG A 8 -12.42 -21.84 -6.39
C ARG A 8 -11.43 -21.15 -5.45
N LEU A 9 -11.67 -19.86 -5.20
CA LEU A 9 -10.79 -19.08 -4.34
C LEU A 9 -11.55 -18.52 -3.15
N ASP A 10 -10.83 -18.26 -2.05
CA ASP A 10 -11.44 -17.69 -0.86
C ASP A 10 -11.49 -16.17 -1.05
N LEU A 11 -12.58 -15.55 -0.59
CA LEU A 11 -12.72 -14.10 -0.65
C LEU A 11 -12.28 -13.59 0.72
N VAL A 12 -11.50 -12.52 0.75
CA VAL A 12 -11.03 -11.97 2.02
C VAL A 12 -11.30 -10.47 2.12
N ASN A 13 -11.41 -9.98 3.34
CA ASN A 13 -11.65 -8.56 3.60
C ASN A 13 -10.32 -7.83 3.82
N GLU A 14 -10.40 -6.56 4.21
CA GLU A 14 -9.22 -5.74 4.46
C GLU A 14 -8.26 -6.30 5.50
N ARG A 15 -8.77 -7.14 6.39
CA ARG A 15 -7.96 -7.74 7.45
C ARG A 15 -7.44 -9.11 7.04
N ASP A 16 -7.70 -9.49 5.79
CA ASP A 16 -7.30 -10.78 5.25
C ASP A 16 -8.05 -11.88 5.98
N GLU A 17 -9.33 -11.63 6.24
CA GLU A 17 -10.20 -12.59 6.89
C GLU A 17 -11.13 -13.10 5.81
N VAL A 18 -11.34 -14.42 5.79
CA VAL A 18 -12.22 -15.03 4.79
C VAL A 18 -13.68 -14.68 5.01
N VAL A 19 -14.32 -14.18 3.96
CA VAL A 19 -15.73 -13.78 4.02
C VAL A 19 -16.60 -14.43 2.95
N GLY A 20 -16.05 -15.40 2.23
CA GLY A 20 -16.80 -16.07 1.19
C GLY A 20 -15.87 -16.74 0.18
N GLN A 21 -16.42 -17.18 -0.95
CA GLN A 21 -15.65 -17.83 -2.01
C GLN A 21 -16.06 -17.32 -3.37
N ILE A 22 -15.21 -17.55 -4.36
CA ILE A 22 -15.50 -17.12 -5.71
C ILE A 22 -14.73 -17.98 -6.72
N LEU A 23 -15.33 -18.19 -7.88
CA LEU A 23 -14.69 -18.97 -8.92
C LEU A 23 -13.61 -18.11 -9.58
N ARG A 24 -12.46 -18.73 -9.82
CA ARG A 24 -11.31 -18.08 -10.44
C ARG A 24 -11.67 -17.40 -11.76
N THR A 25 -12.61 -17.99 -12.50
CA THR A 25 -13.02 -17.45 -13.79
C THR A 25 -14.25 -16.54 -13.74
N ASP A 26 -14.71 -16.24 -12.54
CA ASP A 26 -15.87 -15.39 -12.35
C ASP A 26 -15.56 -13.97 -12.81
N PRO A 27 -16.39 -13.41 -13.69
CA PRO A 27 -16.20 -12.04 -14.19
C PRO A 27 -16.22 -10.97 -13.10
N ALA A 28 -16.78 -11.28 -11.95
CA ALA A 28 -16.83 -10.32 -10.85
C ALA A 28 -15.57 -10.37 -10.00
N LEU A 29 -14.64 -11.25 -10.35
CA LEU A 29 -13.41 -11.39 -9.58
C LEU A 29 -12.62 -10.09 -9.49
N ARG A 30 -12.16 -9.80 -8.27
CA ARG A 30 -11.35 -8.62 -7.97
C ARG A 30 -10.12 -9.16 -7.26
N TRP A 31 -8.92 -8.92 -7.81
CA TRP A 31 -7.71 -9.45 -7.21
C TRP A 31 -7.41 -8.95 -5.80
N GLU A 32 -7.88 -7.75 -5.48
CA GLU A 32 -7.64 -7.18 -4.16
C GLU A 32 -8.51 -7.88 -3.10
N ARG A 33 -9.39 -8.76 -3.55
CA ARG A 33 -10.28 -9.49 -2.66
C ARG A 33 -9.89 -10.96 -2.51
N VAL A 34 -8.72 -11.32 -3.04
CA VAL A 34 -8.24 -12.70 -2.94
C VAL A 34 -6.79 -12.78 -2.50
N ARG A 35 -6.32 -14.00 -2.23
CA ARG A 35 -4.96 -14.23 -1.76
C ARG A 35 -4.08 -14.99 -2.76
N VAL A 36 -2.82 -14.58 -2.85
CA VAL A 36 -1.85 -15.22 -3.73
C VAL A 36 -0.56 -15.43 -2.95
N VAL A 37 0.33 -16.24 -3.47
CA VAL A 37 1.62 -16.46 -2.84
C VAL A 37 2.67 -16.16 -3.90
N ASN A 38 3.81 -15.66 -3.46
CA ASN A 38 4.90 -15.34 -4.35
C ASN A 38 6.18 -15.73 -3.61
N ALA A 39 7.17 -16.19 -4.36
CA ALA A 39 8.42 -16.58 -3.73
C ALA A 39 9.58 -16.33 -4.68
N PHE A 40 10.74 -16.11 -4.07
CA PHE A 40 11.96 -15.87 -4.80
C PHE A 40 12.96 -16.94 -4.38
N LEU A 41 13.64 -17.51 -5.36
CA LEU A 41 14.67 -18.50 -5.11
C LEU A 41 15.97 -17.70 -5.17
N ARG A 42 16.71 -17.63 -4.06
CA ARG A 42 17.96 -16.87 -4.06
C ARG A 42 19.16 -17.76 -3.75
N ASN A 43 20.23 -17.59 -4.52
CA ASN A 43 21.42 -18.39 -4.30
C ASN A 43 22.40 -17.71 -3.36
N SER A 44 23.57 -18.32 -3.18
CA SER A 44 24.57 -17.78 -2.28
C SER A 44 25.29 -16.58 -2.88
N GLN A 45 24.99 -16.29 -4.14
CA GLN A 45 25.59 -15.16 -4.84
C GLN A 45 24.70 -13.93 -4.76
N GLY A 46 23.56 -14.06 -4.10
CA GLY A 46 22.64 -12.94 -3.97
C GLY A 46 21.81 -12.70 -5.22
N GLN A 47 21.73 -13.70 -6.08
CA GLN A 47 20.94 -13.60 -7.32
C GLN A 47 19.61 -14.32 -7.13
N LEU A 48 18.59 -13.86 -7.85
CA LEU A 48 17.28 -14.48 -7.78
C LEU A 48 17.03 -15.22 -9.10
N TRP A 49 16.46 -16.42 -9.05
CA TRP A 49 16.21 -17.14 -10.30
C TRP A 49 14.90 -16.60 -10.86
N ILE A 50 15.00 -15.88 -11.96
CA ILE A 50 13.83 -15.27 -12.57
C ILE A 50 13.39 -15.97 -13.84
N PRO A 51 12.21 -16.61 -13.81
CA PRO A 51 11.76 -17.29 -15.02
C PRO A 51 11.08 -16.35 -15.99
N ARG A 52 10.82 -16.87 -17.17
CA ARG A 52 10.15 -16.12 -18.23
C ARG A 52 8.81 -16.84 -18.38
N ARG A 53 7.75 -16.16 -17.96
CA ARG A 53 6.37 -16.66 -18.00
C ARG A 53 5.45 -15.59 -18.57
N PRO A 61 5.03 -17.74 -22.84
CA PRO A 61 5.74 -17.28 -21.63
C PRO A 61 6.95 -16.45 -22.00
N ASN A 62 6.79 -15.14 -22.11
CA ASN A 62 7.90 -14.28 -22.44
C ASN A 62 8.11 -13.11 -21.48
N ALA A 63 7.33 -13.08 -20.40
CA ALA A 63 7.46 -12.01 -19.40
C ALA A 63 8.19 -12.50 -18.15
N LEU A 64 9.02 -11.63 -17.58
CA LEU A 64 9.76 -11.93 -16.36
C LEU A 64 8.74 -12.07 -15.22
N ASP A 65 9.01 -12.95 -14.27
CA ASP A 65 8.09 -13.14 -13.16
C ASP A 65 8.82 -13.61 -11.90
N VAL A 66 8.07 -13.77 -10.81
CA VAL A 66 8.67 -14.26 -9.57
C VAL A 66 9.06 -15.72 -9.83
N SER A 67 9.95 -16.25 -9.01
CA SER A 67 10.39 -17.64 -9.15
C SER A 67 9.22 -18.62 -9.07
N VAL A 68 8.35 -18.39 -8.08
CA VAL A 68 7.17 -19.24 -7.85
C VAL A 68 6.01 -18.33 -7.47
N GLY A 69 4.86 -18.50 -8.11
CA GLY A 69 3.73 -17.67 -7.76
C GLY A 69 2.39 -18.19 -8.24
N GLY A 70 1.35 -17.95 -7.45
CA GLY A 70 0.03 -18.40 -7.85
C GLY A 70 -1.03 -18.09 -6.81
N ALA A 71 -2.29 -18.22 -7.22
CA ALA A 71 -3.40 -17.95 -6.31
C ALA A 71 -3.56 -19.06 -5.28
N VAL A 72 -4.00 -18.69 -4.09
CA VAL A 72 -4.25 -19.64 -3.02
C VAL A 72 -5.66 -20.20 -3.23
N GLN A 73 -5.79 -21.51 -3.23
CA GLN A 73 -7.10 -22.13 -3.44
C GLN A 73 -7.95 -22.10 -2.18
N SER A 74 -9.26 -22.04 -2.37
CA SER A 74 -10.19 -22.01 -1.25
C SER A 74 -9.92 -23.11 -0.23
N GLY A 75 -9.82 -22.72 1.03
CA GLY A 75 -9.57 -23.67 2.10
C GLY A 75 -8.10 -23.98 2.32
N GLU A 76 -7.27 -23.44 1.44
CA GLU A 76 -5.83 -23.66 1.51
C GLU A 76 -5.12 -22.56 2.29
N THR A 77 -4.07 -22.93 3.01
CA THR A 77 -3.33 -21.92 3.75
C THR A 77 -2.22 -21.40 2.82
N TYR A 78 -1.58 -20.30 3.20
CA TYR A 78 -0.51 -19.73 2.39
C TYR A 78 0.63 -20.73 2.16
N GLU A 79 1.07 -21.40 3.22
CA GLU A 79 2.16 -22.37 3.10
C GLU A 79 1.80 -23.51 2.15
N GLU A 80 0.57 -24.01 2.25
CA GLU A 80 0.14 -25.10 1.39
C GLU A 80 0.13 -24.68 -0.08
N ALA A 81 -0.29 -23.45 -0.35
CA ALA A 81 -0.32 -22.98 -1.73
C ALA A 81 1.11 -22.87 -2.24
N PHE A 82 2.00 -22.43 -1.36
CA PHE A 82 3.42 -22.27 -1.69
C PHE A 82 3.99 -23.64 -2.06
N ARG A 83 3.79 -24.62 -1.19
CA ARG A 83 4.30 -25.96 -1.46
C ARG A 83 3.78 -26.50 -2.79
N ARG A 84 2.49 -26.25 -3.06
CA ARG A 84 1.87 -26.71 -4.29
C ARG A 84 2.43 -26.05 -5.54
N GLU A 85 2.53 -24.73 -5.55
CA GLU A 85 3.04 -24.01 -6.70
C GLU A 85 4.54 -24.31 -6.95
N ALA A 86 5.31 -24.43 -5.88
CA ALA A 86 6.74 -24.71 -6.02
C ALA A 86 6.94 -26.04 -6.71
N ARG A 87 6.14 -27.04 -6.35
CA ARG A 87 6.33 -28.34 -6.99
C ARG A 87 5.78 -28.41 -8.40
N GLU A 88 4.66 -27.73 -8.67
CA GLU A 88 4.11 -27.78 -10.02
C GLU A 88 4.83 -26.88 -11.04
N GLU A 89 5.45 -25.80 -10.57
CA GLU A 89 6.15 -24.90 -11.48
C GLU A 89 7.66 -25.14 -11.54
N LEU A 90 8.27 -25.45 -10.40
CA LEU A 90 9.73 -25.64 -10.37
C LEU A 90 10.15 -27.05 -10.02
N ASN A 91 9.19 -27.93 -9.78
CA ASN A 91 9.48 -29.31 -9.39
C ASN A 91 10.38 -29.31 -8.17
N VAL A 92 10.08 -28.40 -7.25
CA VAL A 92 10.85 -28.27 -6.02
C VAL A 92 10.01 -28.62 -4.80
N GLU A 93 10.61 -29.36 -3.88
CA GLU A 93 9.96 -29.75 -2.64
C GLU A 93 10.49 -28.75 -1.61
N ILE A 94 9.67 -27.78 -1.20
CA ILE A 94 10.13 -26.78 -0.25
C ILE A 94 10.65 -27.40 1.04
N ASP A 95 10.09 -28.55 1.40
CA ASP A 95 10.51 -29.22 2.63
C ASP A 95 11.93 -29.77 2.50
N ALA A 96 12.41 -29.89 1.27
CA ALA A 96 13.75 -30.40 1.00
C ALA A 96 14.78 -29.28 0.95
N LEU A 97 14.33 -28.04 1.07
CA LEU A 97 15.24 -26.90 1.03
C LEU A 97 14.95 -25.95 2.18
N SER A 98 15.80 -24.94 2.31
CA SER A 98 15.63 -23.94 3.35
C SER A 98 14.77 -22.80 2.80
N TRP A 99 13.74 -22.41 3.54
CA TRP A 99 12.85 -21.31 3.13
C TRP A 99 12.26 -20.61 4.35
N ARG A 100 11.69 -19.44 4.13
CA ARG A 100 11.09 -18.70 5.22
C ARG A 100 10.22 -17.58 4.69
N PRO A 101 9.24 -17.15 5.50
CA PRO A 101 8.36 -16.06 5.09
C PRO A 101 9.23 -14.82 4.98
N LEU A 102 9.17 -14.14 3.85
CA LEU A 102 9.96 -12.94 3.67
C LEU A 102 9.15 -11.71 4.10
N ALA A 103 7.89 -11.69 3.70
CA ALA A 103 7.01 -10.58 4.05
C ALA A 103 5.57 -10.90 3.69
N SER A 104 4.67 -10.05 4.18
CA SER A 104 3.24 -10.17 3.92
C SER A 104 2.75 -8.78 3.50
N PHE A 105 1.88 -8.72 2.50
CA PHE A 105 1.38 -7.45 2.02
C PHE A 105 -0.12 -7.40 1.78
N SER A 106 -0.68 -6.20 1.92
CA SER A 106 -2.09 -5.96 1.67
C SER A 106 -2.20 -5.12 0.40
N PRO A 107 -3.22 -5.40 -0.44
CA PRO A 107 -3.48 -4.70 -1.70
C PRO A 107 -3.89 -3.24 -1.49
N PHE A 108 -4.33 -2.91 -0.27
CA PHE A 108 -4.74 -1.54 0.01
C PHE A 108 -3.65 -0.71 0.67
N GLN A 109 -2.57 -1.34 1.10
CA GLN A 109 -1.47 -0.62 1.73
C GLN A 109 -0.26 -0.49 0.82
N THR A 110 -0.37 -1.06 -0.37
CA THR A 110 0.70 -1.06 -1.37
C THR A 110 0.03 -1.03 -2.73
N THR A 111 0.82 -1.14 -3.80
CA THR A 111 0.22 -1.18 -5.13
C THR A 111 0.27 -2.61 -5.66
N LEU A 112 0.37 -3.58 -4.75
CA LEU A 112 0.38 -4.98 -5.12
C LEU A 112 -1.07 -5.39 -5.37
N SER A 113 -1.25 -6.35 -6.28
CA SER A 113 -2.58 -6.82 -6.71
C SER A 113 -3.51 -7.54 -5.72
N SER A 114 -2.95 -8.39 -4.85
CA SER A 114 -3.74 -9.16 -3.90
C SER A 114 -3.05 -9.26 -2.56
N PHE A 115 -3.75 -9.88 -1.61
CA PHE A 115 -3.18 -10.13 -0.29
C PHE A 115 -2.17 -11.21 -0.57
N MET A 116 -1.05 -11.17 0.12
CA MET A 116 -0.03 -12.16 -0.17
C MET A 116 1.03 -12.36 0.88
N CYS A 117 1.63 -13.53 0.81
CA CYS A 117 2.75 -13.85 1.65
C CYS A 117 3.83 -14.09 0.62
N VAL A 118 5.00 -13.51 0.86
CA VAL A 118 6.14 -13.65 -0.04
C VAL A 118 7.16 -14.48 0.74
N TYR A 119 7.71 -15.48 0.08
CA TYR A 119 8.69 -16.38 0.70
C TYR A 119 10.02 -16.29 0.00
N GLU A 120 11.06 -16.77 0.67
CA GLU A 120 12.38 -16.81 0.05
C GLU A 120 12.87 -18.25 0.18
N LEU A 121 13.21 -18.85 -0.96
CA LEU A 121 13.70 -20.22 -1.01
C LEU A 121 15.21 -20.10 -1.24
N ARG A 122 16.00 -20.90 -0.52
CA ARG A 122 17.46 -20.85 -0.67
C ARG A 122 18.00 -22.08 -1.41
N SER A 123 18.71 -21.84 -2.51
CA SER A 123 19.31 -22.91 -3.29
C SER A 123 20.26 -22.37 -4.34
N ASP A 124 21.36 -23.10 -4.56
CA ASP A 124 22.32 -22.70 -5.57
C ASP A 124 22.08 -23.50 -6.85
N ALA A 125 21.18 -24.47 -6.78
CA ALA A 125 20.87 -25.29 -7.94
C ALA A 125 19.82 -24.65 -8.83
N THR A 126 20.00 -24.79 -10.14
CA THR A 126 19.03 -24.26 -11.09
C THR A 126 17.89 -25.27 -11.10
N PRO A 127 16.65 -24.79 -10.90
CA PRO A 127 15.47 -25.66 -10.87
C PRO A 127 15.19 -26.37 -12.20
N ILE A 128 14.67 -27.59 -12.10
CA ILE A 128 14.28 -28.36 -13.28
C ILE A 128 12.82 -27.94 -13.42
N PHE A 129 12.64 -26.75 -13.96
CA PHE A 129 11.31 -26.16 -14.11
C PHE A 129 10.39 -26.88 -15.09
N ASN A 130 9.09 -26.62 -14.96
CA ASN A 130 8.07 -27.20 -15.81
C ASN A 130 7.96 -26.30 -17.05
N PRO A 131 8.38 -26.83 -18.22
CA PRO A 131 8.36 -26.13 -19.51
C PRO A 131 6.99 -25.71 -20.02
N ASN A 132 5.94 -26.22 -19.41
CA ASN A 132 4.59 -25.89 -19.86
C ASN A 132 4.24 -24.43 -19.55
N ASP A 133 4.85 -23.87 -18.51
CA ASP A 133 4.54 -22.49 -18.16
C ASP A 133 5.78 -21.59 -18.19
N ILE A 134 6.96 -22.21 -18.19
CA ILE A 134 8.22 -21.47 -18.18
C ILE A 134 9.09 -21.83 -19.39
N SER A 135 9.48 -20.82 -20.16
CA SER A 135 10.31 -21.07 -21.33
C SER A 135 11.81 -21.16 -20.98
N GLY A 136 12.17 -20.60 -19.84
CA GLY A 136 13.56 -20.63 -19.43
C GLY A 136 13.70 -19.67 -18.25
N GLY A 137 14.88 -19.62 -17.64
CA GLY A 137 15.07 -18.71 -16.52
C GLY A 137 16.52 -18.33 -16.38
N GLU A 138 16.79 -17.32 -15.56
CA GLU A 138 18.17 -16.92 -15.35
C GLU A 138 18.40 -16.32 -13.98
N TRP A 139 19.62 -16.51 -13.48
CA TRP A 139 19.97 -15.95 -12.17
C TRP A 139 20.32 -14.49 -12.44
N LEU A 140 19.62 -13.61 -11.75
CA LEU A 140 19.85 -12.19 -11.94
C LEU A 140 19.90 -11.46 -10.62
N THR A 141 20.72 -10.43 -10.58
CA THR A 141 20.81 -9.61 -9.38
C THR A 141 19.58 -8.73 -9.41
N PRO A 142 19.09 -8.32 -8.23
CA PRO A 142 17.90 -7.46 -8.19
C PRO A 142 18.12 -6.17 -8.98
N GLU A 143 19.35 -5.67 -8.97
CA GLU A 143 19.70 -4.45 -9.69
C GLU A 143 19.48 -4.59 -11.20
N HIS A 144 20.00 -5.66 -11.76
CA HIS A 144 19.85 -5.93 -13.20
C HIS A 144 18.39 -6.19 -13.56
N LEU A 145 17.70 -6.92 -12.70
CA LEU A 145 16.29 -7.22 -12.95
C LEU A 145 15.46 -5.94 -13.00
N LEU A 146 15.62 -5.10 -11.98
CA LEU A 146 14.88 -3.84 -11.92
C LEU A 146 15.23 -2.95 -13.13
N ALA A 147 16.50 -2.97 -13.53
CA ALA A 147 16.92 -2.18 -14.68
C ALA A 147 16.15 -2.61 -15.95
N ARG A 148 16.02 -3.91 -16.17
CA ARG A 148 15.29 -4.41 -17.34
C ARG A 148 13.83 -3.96 -17.31
N ILE A 149 13.21 -4.04 -16.13
CA ILE A 149 11.81 -3.63 -16.00
C ILE A 149 11.69 -2.14 -16.32
N ALA A 150 12.60 -1.35 -15.75
CA ALA A 150 12.61 0.10 -15.98
C ALA A 150 12.74 0.42 -17.48
N ALA A 151 13.50 -0.42 -18.19
CA ALA A 151 13.71 -0.25 -19.62
C ALA A 151 12.48 -0.55 -20.46
N GLY A 152 11.57 -1.35 -19.91
CA GLY A 152 10.37 -1.71 -20.64
C GLY A 152 10.23 -3.17 -20.97
N GLU A 153 11.20 -4.00 -20.57
CA GLU A 153 11.11 -5.43 -20.85
C GLU A 153 9.87 -6.01 -20.14
N ALA A 154 9.19 -6.95 -20.78
CA ALA A 154 7.97 -7.55 -20.24
C ALA A 154 8.14 -8.21 -18.87
N ALA A 155 7.23 -7.90 -17.95
CA ALA A 155 7.30 -8.45 -16.60
C ALA A 155 5.94 -8.42 -15.91
N LYS A 156 5.70 -9.39 -15.04
CA LYS A 156 4.46 -9.42 -14.28
C LYS A 156 4.32 -8.10 -13.55
N GLY A 157 3.09 -7.60 -13.48
CA GLY A 157 2.82 -6.32 -12.86
C GLY A 157 3.32 -6.03 -11.45
N ASP A 158 3.49 -7.05 -10.62
CA ASP A 158 3.97 -6.79 -9.26
C ASP A 158 5.41 -7.20 -8.98
N LEU A 159 6.09 -7.69 -10.01
CA LEU A 159 7.47 -8.13 -9.83
C LEU A 159 8.40 -7.04 -9.33
N ALA A 160 8.43 -5.89 -10.01
CA ALA A 160 9.29 -4.80 -9.61
C ALA A 160 9.05 -4.37 -8.16
N GLU A 161 7.78 -4.14 -7.81
CA GLU A 161 7.43 -3.70 -6.46
C GLU A 161 7.82 -4.75 -5.40
N LEU A 162 7.63 -6.03 -5.70
CA LEU A 162 8.00 -7.08 -4.75
C LEU A 162 9.51 -7.09 -4.50
N VAL A 163 10.28 -6.91 -5.56
CA VAL A 163 11.73 -6.90 -5.45
C VAL A 163 12.19 -5.71 -4.61
N ARG A 164 11.63 -4.54 -4.89
CA ARG A 164 11.99 -3.34 -4.15
C ARG A 164 11.56 -3.41 -2.69
N ARG A 165 10.35 -3.89 -2.42
CA ARG A 165 9.88 -3.97 -1.04
C ARG A 165 10.56 -5.07 -0.24
N CYS A 166 10.90 -6.18 -0.89
CA CYS A 166 11.53 -7.29 -0.18
C CYS A 166 13.04 -7.21 -0.09
N TYR A 167 13.67 -6.57 -1.06
CA TYR A 167 15.13 -6.44 -1.06
C TYR A 167 15.56 -4.98 -1.18
N ARG A 168 15.76 -4.34 -0.04
CA ARG A 168 16.19 -2.94 0.00
C ARG A 168 15.24 -2.08 -0.83
N GLU B 7 -7.18 21.73 21.98
CA GLU B 7 -6.22 20.60 22.26
C GLU B 7 -6.96 19.38 22.78
N ARG B 8 -8.29 19.45 22.76
CA ARG B 8 -9.12 18.34 23.21
C ARG B 8 -9.85 17.72 22.02
N LEU B 9 -9.86 16.39 21.98
CA LEU B 9 -10.49 15.63 20.91
C LEU B 9 -11.63 14.77 21.41
N ASP B 10 -12.60 14.49 20.54
CA ASP B 10 -13.72 13.63 20.93
C ASP B 10 -13.31 12.17 20.75
N LEU B 11 -13.72 11.32 21.68
CA LEU B 11 -13.46 9.90 21.59
C LEU B 11 -14.72 9.30 20.97
N VAL B 12 -14.56 8.40 20.01
CA VAL B 12 -15.72 7.78 19.36
C VAL B 12 -15.61 6.25 19.35
N ASN B 13 -16.76 5.58 19.36
CA ASN B 13 -16.79 4.11 19.34
C ASN B 13 -16.75 3.63 17.89
N GLU B 14 -16.99 2.34 17.69
CA GLU B 14 -16.98 1.75 16.35
C GLU B 14 -18.05 2.29 15.41
N ARG B 15 -19.04 2.98 15.96
CA ARG B 15 -20.11 3.55 15.15
C ARG B 15 -19.86 5.05 14.98
N ASP B 16 -18.66 5.48 15.33
CA ASP B 16 -18.27 6.88 15.24
C ASP B 16 -19.22 7.78 16.02
N GLU B 17 -19.57 7.33 17.23
CA GLU B 17 -20.43 8.09 18.12
C GLU B 17 -19.55 8.59 19.28
N VAL B 18 -19.69 9.86 19.64
CA VAL B 18 -18.91 10.47 20.72
C VAL B 18 -19.24 9.82 22.06
N VAL B 19 -18.22 9.27 22.72
CA VAL B 19 -18.42 8.62 24.02
C VAL B 19 -17.50 9.20 25.09
N GLY B 20 -16.82 10.30 24.78
CA GLY B 20 -15.94 10.93 25.73
C GLY B 20 -14.98 11.88 25.01
N GLN B 21 -13.98 12.39 25.73
CA GLN B 21 -13.00 13.31 25.16
C GLN B 21 -11.61 12.93 25.64
N ILE B 22 -10.59 13.40 24.91
CA ILE B 22 -9.22 13.11 25.28
C ILE B 22 -8.31 14.22 24.80
N LEU B 23 -7.23 14.47 25.53
CA LEU B 23 -6.28 15.50 25.15
C LEU B 23 -5.40 14.96 24.03
N ARG B 24 -5.05 15.83 23.09
CA ARG B 24 -4.21 15.43 21.97
C ARG B 24 -2.87 14.90 22.47
N THR B 25 -2.36 15.49 23.55
CA THR B 25 -1.09 15.11 24.14
C THR B 25 -1.17 13.99 25.17
N ASP B 26 -2.27 13.23 25.15
CA ASP B 26 -2.43 12.12 26.09
C ASP B 26 -1.73 10.88 25.56
N PRO B 27 -0.82 10.30 26.35
CA PRO B 27 -0.07 9.11 25.95
C PRO B 27 -0.92 7.86 25.74
N ALA B 28 -2.14 7.83 26.30
CA ALA B 28 -3.00 6.67 26.13
C ALA B 28 -3.89 6.86 24.90
N LEU B 29 -3.62 7.91 24.13
CA LEU B 29 -4.42 8.18 22.94
C LEU B 29 -4.25 7.09 21.89
N ARG B 30 -5.38 6.62 21.36
CA ARG B 30 -5.39 5.58 20.32
C ARG B 30 -6.13 6.19 19.14
N TRP B 31 -5.49 6.21 17.97
CA TRP B 31 -6.11 6.83 16.80
C TRP B 31 -7.43 6.24 16.31
N GLU B 32 -7.62 4.94 16.49
CA GLU B 32 -8.87 4.32 16.05
C GLU B 32 -10.07 4.84 16.84
N ARG B 33 -9.81 5.58 17.92
CA ARG B 33 -10.87 6.13 18.76
C ARG B 33 -11.08 7.63 18.55
N VAL B 34 -10.40 8.21 17.58
CA VAL B 34 -10.55 9.64 17.31
C VAL B 34 -10.82 9.92 15.83
N ARG B 35 -11.29 11.13 15.56
CA ARG B 35 -11.61 11.53 14.19
C ARG B 35 -10.58 12.47 13.59
N VAL B 36 -10.28 12.28 12.31
CA VAL B 36 -9.32 13.16 11.65
C VAL B 36 -9.85 13.52 10.27
N VAL B 37 -9.23 14.53 9.65
CA VAL B 37 -9.58 14.92 8.31
C VAL B 37 -8.28 14.92 7.52
N ASN B 38 -8.40 14.61 6.24
CA ASN B 38 -7.27 14.57 5.33
C ASN B 38 -7.77 15.17 4.03
N ALA B 39 -6.92 15.90 3.32
CA ALA B 39 -7.33 16.47 2.05
C ALA B 39 -6.16 16.48 1.07
N PHE B 40 -6.49 16.36 -0.20
CA PHE B 40 -5.48 16.38 -1.25
C PHE B 40 -5.73 17.58 -2.14
N LEU B 41 -4.67 18.32 -2.41
CA LEU B 41 -4.76 19.47 -3.29
C LEU B 41 -4.33 18.89 -4.64
N ARG B 42 -5.22 18.97 -5.63
CA ARG B 42 -4.94 18.46 -6.96
C ARG B 42 -5.08 19.56 -8.01
N ASN B 43 -4.09 19.67 -8.89
CA ASN B 43 -4.13 20.69 -9.94
C ASN B 43 -4.83 20.17 -11.19
N SER B 44 -4.78 20.96 -12.26
CA SER B 44 -5.41 20.61 -13.52
C SER B 44 -4.65 19.50 -14.23
N GLN B 45 -3.37 19.38 -13.91
CA GLN B 45 -2.51 18.35 -14.51
C GLN B 45 -2.73 16.98 -13.86
N GLY B 46 -3.58 16.94 -12.84
CA GLY B 46 -3.83 15.67 -12.17
C GLY B 46 -2.77 15.35 -11.14
N GLN B 47 -1.99 16.35 -10.75
CA GLN B 47 -0.93 16.16 -9.76
C GLN B 47 -1.41 16.60 -8.37
N LEU B 48 -0.89 15.94 -7.35
CA LEU B 48 -1.26 16.29 -5.98
C LEU B 48 -0.08 17.06 -5.37
N TRP B 49 -0.39 18.03 -4.51
CA TRP B 49 0.68 18.77 -3.87
C TRP B 49 1.02 17.98 -2.62
N ILE B 50 2.19 17.37 -2.65
CA ILE B 50 2.64 16.52 -1.56
C ILE B 50 3.76 17.17 -0.76
N PRO B 51 3.47 17.51 0.50
CA PRO B 51 4.48 18.13 1.34
C PRO B 51 5.34 17.13 2.09
N ARG B 52 6.36 17.66 2.75
CA ARG B 52 7.27 16.87 3.58
C ARG B 52 6.99 17.36 5.00
N ARG B 53 6.66 16.45 5.88
CA ARG B 53 6.38 16.76 7.28
C ARG B 53 7.50 17.59 7.91
N SER B 54 7.12 18.49 8.82
CA SER B 54 8.09 19.33 9.52
C SER B 54 9.01 18.45 10.37
N PRO B 55 10.28 18.84 10.53
CA PRO B 55 11.24 18.06 11.33
C PRO B 55 10.84 17.98 12.81
N SER B 56 10.03 18.93 13.26
CA SER B 56 9.58 18.97 14.64
C SER B 56 8.31 18.16 14.86
N LYS B 57 7.78 17.62 13.78
CA LYS B 57 6.56 16.81 13.85
C LYS B 57 6.81 15.57 14.70
N SER B 58 5.97 15.37 15.71
CA SER B 58 6.11 14.22 16.60
C SER B 58 6.03 12.87 15.89
N LEU B 59 5.13 12.76 14.92
CA LEU B 59 4.99 11.53 14.15
C LEU B 59 5.48 11.70 12.72
N PHE B 60 6.31 10.76 12.29
CA PHE B 60 6.88 10.77 10.94
C PHE B 60 7.40 12.12 10.46
N PRO B 61 8.43 12.65 11.13
CA PRO B 61 8.99 13.94 10.73
C PRO B 61 9.77 13.76 9.43
N ASN B 62 9.72 14.76 8.57
CA ASN B 62 10.41 14.75 7.27
C ASN B 62 9.90 13.70 6.27
N ALA B 63 8.70 13.17 6.49
CA ALA B 63 8.16 12.18 5.57
C ALA B 63 7.08 12.78 4.67
N LEU B 64 6.84 12.14 3.53
CA LEU B 64 5.81 12.59 2.59
C LEU B 64 4.47 12.50 3.34
N ASP B 65 3.52 13.36 3.00
CA ASP B 65 2.24 13.35 3.68
C ASP B 65 1.10 13.89 2.82
N VAL B 66 -0.12 13.89 3.37
CA VAL B 66 -1.27 14.42 2.65
C VAL B 66 -1.06 15.94 2.50
N SER B 67 -1.78 16.58 1.60
CA SER B 67 -1.63 18.02 1.40
C SER B 67 -1.98 18.74 2.69
N VAL B 68 -3.07 18.33 3.33
CA VAL B 68 -3.49 18.92 4.58
C VAL B 68 -4.22 17.86 5.41
N GLY B 69 -3.88 17.78 6.68
CA GLY B 69 -4.53 16.82 7.54
C GLY B 69 -4.48 17.25 9.00
N GLY B 70 -5.34 16.67 9.82
CA GLY B 70 -5.36 17.02 11.23
C GLY B 70 -6.53 16.40 11.97
N ALA B 71 -6.36 16.26 13.28
CA ALA B 71 -7.41 15.68 14.10
C ALA B 71 -8.56 16.67 14.26
N VAL B 72 -9.78 16.15 14.33
CA VAL B 72 -10.97 16.96 14.50
C VAL B 72 -11.09 17.29 15.99
N GLN B 73 -11.38 18.55 16.30
CA GLN B 73 -11.50 19.01 17.68
C GLN B 73 -12.86 18.70 18.28
N SER B 74 -12.90 18.57 19.61
CA SER B 74 -14.15 18.27 20.30
C SER B 74 -15.24 19.27 19.91
N GLY B 75 -16.41 18.73 19.59
CA GLY B 75 -17.54 19.57 19.21
C GLY B 75 -17.48 20.10 17.79
N GLU B 76 -16.39 19.81 17.10
CA GLU B 76 -16.19 20.28 15.75
C GLU B 76 -16.62 19.21 14.75
N THR B 77 -17.17 19.64 13.62
CA THR B 77 -17.59 18.68 12.60
C THR B 77 -16.43 18.44 11.64
N TYR B 78 -16.56 17.42 10.79
CA TYR B 78 -15.52 17.12 9.83
C TYR B 78 -15.21 18.31 8.95
N GLU B 79 -16.25 18.90 8.34
CA GLU B 79 -16.04 20.04 7.45
C GLU B 79 -15.40 21.22 8.16
N GLU B 80 -15.84 21.50 9.39
CA GLU B 80 -15.27 22.61 10.12
C GLU B 80 -13.78 22.35 10.35
N ALA B 81 -13.44 21.11 10.65
CA ALA B 81 -12.04 20.74 10.90
C ALA B 81 -11.23 20.94 9.61
N PHE B 82 -11.82 20.58 8.48
CA PHE B 82 -11.18 20.72 7.20
C PHE B 82 -10.88 22.19 6.90
N ARG B 83 -11.88 23.05 7.06
CA ARG B 83 -11.70 24.48 6.81
C ARG B 83 -10.62 25.06 7.72
N ARG B 84 -10.59 24.64 8.98
CA ARG B 84 -9.61 25.14 9.94
C ARG B 84 -8.19 24.71 9.59
N GLU B 85 -8.01 23.42 9.31
CA GLU B 85 -6.70 22.89 8.98
C GLU B 85 -6.13 23.48 7.68
N ALA B 86 -6.97 23.67 6.68
CA ALA B 86 -6.54 24.23 5.41
C ALA B 86 -6.07 25.66 5.62
N ARG B 87 -6.77 26.37 6.49
CA ARG B 87 -6.41 27.76 6.79
C ARG B 87 -5.10 27.82 7.56
N GLU B 88 -4.96 26.94 8.56
CA GLU B 88 -3.76 26.92 9.40
C GLU B 88 -2.50 26.29 8.78
N GLU B 89 -2.67 25.29 7.92
CA GLU B 89 -1.52 24.64 7.30
C GLU B 89 -1.12 25.16 5.93
N LEU B 90 -2.08 25.55 5.12
CA LEU B 90 -1.79 26.02 3.77
C LEU B 90 -2.17 27.48 3.56
N ASN B 91 -2.69 28.12 4.61
CA ASN B 91 -3.10 29.52 4.52
C ASN B 91 -4.06 29.75 3.37
N VAL B 92 -5.05 28.87 3.25
CA VAL B 92 -6.03 28.99 2.18
C VAL B 92 -7.45 28.94 2.73
N GLU B 93 -8.36 29.62 2.03
CA GLU B 93 -9.77 29.66 2.40
C GLU B 93 -10.52 28.80 1.40
N ILE B 94 -10.96 27.63 1.85
CA ILE B 94 -11.67 26.70 0.97
C ILE B 94 -12.86 27.35 0.26
N ASP B 95 -13.39 28.42 0.84
CA ASP B 95 -14.53 29.12 0.24
C ASP B 95 -14.13 29.83 -1.06
N ALA B 96 -12.84 30.15 -1.20
CA ALA B 96 -12.34 30.84 -2.38
C ALA B 96 -11.76 29.87 -3.40
N LEU B 97 -12.04 28.58 -3.21
CA LEU B 97 -11.54 27.54 -4.10
C LEU B 97 -12.53 26.40 -4.28
N SER B 98 -12.25 25.55 -5.26
CA SER B 98 -13.08 24.39 -5.56
C SER B 98 -12.70 23.24 -4.64
N TRP B 99 -13.69 22.63 -4.00
CA TRP B 99 -13.43 21.49 -3.12
C TRP B 99 -14.67 20.66 -2.95
N ARG B 100 -14.49 19.38 -2.60
CA ARG B 100 -15.61 18.50 -2.41
C ARG B 100 -15.19 17.26 -1.63
N PRO B 101 -16.15 16.61 -0.94
CA PRO B 101 -15.85 15.40 -0.17
C PRO B 101 -15.37 14.32 -1.13
N LEU B 102 -14.29 13.65 -0.78
CA LEU B 102 -13.75 12.61 -1.66
C LEU B 102 -14.19 11.22 -1.19
N ALA B 103 -14.09 10.98 0.11
CA ALA B 103 -14.49 9.71 0.70
C ALA B 103 -14.52 9.77 2.22
N SER B 104 -15.15 8.76 2.81
CA SER B 104 -15.27 8.62 4.26
C SER B 104 -14.79 7.21 4.60
N PHE B 105 -13.98 7.09 5.64
CA PHE B 105 -13.45 5.79 6.04
C PHE B 105 -13.52 5.52 7.53
N SER B 106 -13.66 4.24 7.87
CA SER B 106 -13.72 3.78 9.26
C SER B 106 -12.51 2.87 9.51
N PRO B 107 -11.89 2.98 10.70
CA PRO B 107 -10.72 2.16 11.05
C PRO B 107 -11.09 0.68 11.17
N PHE B 108 -12.38 0.38 11.21
CA PHE B 108 -12.82 -1.00 11.33
C PHE B 108 -13.32 -1.58 10.02
N GLN B 109 -13.21 -0.82 8.93
CA GLN B 109 -13.62 -1.28 7.61
C GLN B 109 -12.46 -1.14 6.63
N THR B 110 -11.37 -0.55 7.10
CA THR B 110 -10.16 -0.34 6.29
C THR B 110 -8.97 -0.53 7.22
N THR B 111 -7.76 -0.34 6.70
CA THR B 111 -6.55 -0.46 7.52
C THR B 111 -6.06 0.94 7.91
N LEU B 112 -6.89 1.96 7.70
CA LEU B 112 -6.55 3.33 8.05
C LEU B 112 -6.56 3.50 9.58
N SER B 113 -5.79 4.45 10.09
CA SER B 113 -5.67 4.66 11.54
C SER B 113 -6.84 5.23 12.36
N SER B 114 -7.63 6.13 11.75
CA SER B 114 -8.73 6.78 12.45
C SER B 114 -9.97 6.94 11.58
N PHE B 115 -11.07 7.38 12.20
CA PHE B 115 -12.31 7.64 11.46
C PHE B 115 -11.96 8.92 10.73
N MET B 116 -12.36 9.03 9.47
CA MET B 116 -11.98 10.24 8.74
C MET B 116 -12.83 10.57 7.53
N CYS B 117 -12.72 11.82 7.12
CA CYS B 117 -13.37 12.28 5.92
C CYS B 117 -12.21 12.87 5.13
N VAL B 118 -12.14 12.51 3.86
CA VAL B 118 -11.08 12.98 2.99
C VAL B 118 -11.68 13.92 1.97
N TYR B 119 -11.00 15.04 1.73
CA TYR B 119 -11.48 16.03 0.79
C TYR B 119 -10.47 16.26 -0.33
N GLU B 120 -10.94 16.91 -1.40
CA GLU B 120 -10.08 17.25 -2.52
C GLU B 120 -10.23 18.73 -2.78
N LEU B 121 -9.11 19.43 -2.88
CA LEU B 121 -9.08 20.86 -3.13
C LEU B 121 -8.45 21.05 -4.50
N ARG B 122 -9.10 21.83 -5.36
CA ARG B 122 -8.59 22.06 -6.70
C ARG B 122 -7.94 23.43 -6.83
N SER B 123 -6.69 23.45 -7.31
CA SER B 123 -5.96 24.69 -7.50
C SER B 123 -4.63 24.43 -8.20
N ASP B 124 -4.17 25.41 -8.95
CA ASP B 124 -2.91 25.26 -9.68
C ASP B 124 -1.79 26.04 -9.00
N ALA B 125 -2.16 26.83 -8.00
CA ALA B 125 -1.18 27.64 -7.28
C ALA B 125 -0.51 26.86 -6.16
N THR B 126 0.77 27.13 -5.96
CA THR B 126 1.53 26.46 -4.91
C THR B 126 1.23 27.15 -3.58
N PRO B 127 0.82 26.38 -2.57
CA PRO B 127 0.48 26.89 -1.24
C PRO B 127 1.62 27.55 -0.47
N ILE B 128 1.26 28.53 0.35
CA ILE B 128 2.23 29.20 1.21
C ILE B 128 2.07 28.45 2.52
N PHE B 129 2.62 27.24 2.54
CA PHE B 129 2.54 26.35 3.70
C PHE B 129 3.12 26.91 4.98
N ASN B 130 2.58 26.44 6.10
CA ASN B 130 3.04 26.86 7.41
C ASN B 130 4.24 26.02 7.82
N PRO B 131 5.40 26.66 8.04
CA PRO B 131 6.65 26.01 8.43
C PRO B 131 6.55 25.16 9.70
N ASN B 132 5.57 25.47 10.52
CA ASN B 132 5.38 24.73 11.76
C ASN B 132 4.89 23.31 11.53
N ASP B 133 4.43 23.04 10.32
CA ASP B 133 3.93 21.71 10.00
C ASP B 133 4.57 21.13 8.74
N ILE B 134 4.93 22.02 7.81
CA ILE B 134 5.52 21.60 6.54
C ILE B 134 6.84 22.30 6.25
N SER B 135 7.81 21.54 5.72
CA SER B 135 9.11 22.10 5.38
C SER B 135 9.22 22.42 3.90
N GLY B 136 8.36 21.81 3.10
CA GLY B 136 8.37 22.02 1.67
C GLY B 136 7.36 21.14 0.96
N GLY B 137 7.30 21.21 -0.36
CA GLY B 137 6.34 20.40 -1.09
C GLY B 137 6.59 20.35 -2.58
N GLU B 138 5.83 19.53 -3.27
CA GLU B 138 5.99 19.40 -4.71
C GLU B 138 4.76 18.75 -5.33
N TRP B 139 4.57 18.98 -6.62
CA TRP B 139 3.43 18.37 -7.31
C TRP B 139 3.86 17.00 -7.79
N LEU B 140 3.06 16.00 -7.43
CA LEU B 140 3.36 14.62 -7.77
C LEU B 140 2.08 13.85 -8.09
N THR B 141 2.11 13.03 -9.14
CA THR B 141 0.93 12.25 -9.49
C THR B 141 0.79 11.12 -8.46
N PRO B 142 -0.44 10.60 -8.30
CA PRO B 142 -0.71 9.50 -7.35
C PRO B 142 0.17 8.27 -7.60
N GLU B 143 0.34 7.94 -8.88
CA GLU B 143 1.15 6.78 -9.28
C GLU B 143 2.60 6.95 -8.86
N HIS B 144 3.16 8.13 -9.14
CA HIS B 144 4.55 8.41 -8.79
C HIS B 144 4.74 8.41 -7.27
N LEU B 145 3.77 8.97 -6.55
CA LEU B 145 3.85 9.00 -5.09
C LEU B 145 3.87 7.58 -4.56
N LEU B 146 2.93 6.77 -5.03
CA LEU B 146 2.86 5.38 -4.61
C LEU B 146 4.16 4.65 -4.92
N ALA B 147 4.76 4.95 -6.07
CA ALA B 147 6.02 4.31 -6.45
C ALA B 147 7.15 4.67 -5.48
N ARG B 148 7.21 5.93 -5.05
CA ARG B 148 8.24 6.35 -4.10
C ARG B 148 8.12 5.59 -2.79
N ILE B 149 6.89 5.38 -2.34
CA ILE B 149 6.67 4.67 -1.09
C ILE B 149 7.16 3.23 -1.24
N ALA B 150 6.79 2.59 -2.33
CA ALA B 150 7.22 1.21 -2.58
C ALA B 150 8.76 1.15 -2.63
N ALA B 151 9.38 2.21 -3.17
CA ALA B 151 10.84 2.27 -3.28
C ALA B 151 11.51 2.48 -1.94
N GLY B 152 10.72 2.83 -0.92
CA GLY B 152 11.28 3.04 0.40
C GLY B 152 11.50 4.48 0.85
N GLU B 153 10.94 5.45 0.14
CA GLU B 153 11.11 6.84 0.55
C GLU B 153 10.15 7.07 1.73
N ALA B 154 10.58 7.89 2.68
CA ALA B 154 9.78 8.16 3.88
C ALA B 154 8.37 8.70 3.61
N ALA B 155 7.36 8.06 4.21
CA ALA B 155 5.99 8.49 4.04
C ALA B 155 5.17 8.22 5.30
N LYS B 156 4.23 9.12 5.61
CA LYS B 156 3.41 8.94 6.79
C LYS B 156 2.63 7.64 6.63
N GLY B 157 2.26 7.04 7.76
CA GLY B 157 1.53 5.79 7.78
C GLY B 157 0.34 5.56 6.86
N ASP B 158 -0.69 6.39 6.95
CA ASP B 158 -1.90 6.23 6.13
C ASP B 158 -1.80 6.71 4.70
N LEU B 159 -0.73 7.42 4.35
CA LEU B 159 -0.60 7.98 3.00
C LEU B 159 -0.85 7.00 1.86
N ALA B 160 -0.12 5.88 1.83
CA ALA B 160 -0.28 4.92 0.75
C ALA B 160 -1.71 4.40 0.64
N GLU B 161 -2.30 3.97 1.75
CA GLU B 161 -3.67 3.46 1.69
C GLU B 161 -4.63 4.56 1.23
N LEU B 162 -4.42 5.79 1.68
CA LEU B 162 -5.28 6.90 1.30
C LEU B 162 -5.30 7.13 -0.22
N VAL B 163 -4.11 7.19 -0.82
CA VAL B 163 -4.03 7.42 -2.26
C VAL B 163 -4.55 6.21 -3.02
N ARG B 164 -4.26 5.02 -2.47
CA ARG B 164 -4.69 3.75 -3.04
C ARG B 164 -6.22 3.63 -3.08
N ARG B 165 -6.89 4.12 -2.05
CA ARG B 165 -8.34 4.05 -2.00
C ARG B 165 -9.06 5.26 -2.63
N CYS B 166 -8.41 6.42 -2.65
CA CYS B 166 -9.03 7.62 -3.20
C CYS B 166 -8.78 7.88 -4.67
N TYR B 167 -7.68 7.36 -5.20
CA TYR B 167 -7.33 7.55 -6.60
C TYR B 167 -6.97 6.21 -7.23
N ARG B 168 -7.81 5.73 -8.14
CA ARG B 168 -7.57 4.45 -8.81
C ARG B 168 -7.60 3.31 -7.79
#